data_1FSE
#
_entry.id   1FSE
#
_cell.length_a   109.019
_cell.length_b   61.749
_cell.length_c   71.743
_cell.angle_alpha   90.00
_cell.angle_beta   97.08
_cell.angle_gamma   90.00
#
_symmetry.space_group_name_H-M   'C 1 2 1'
#
loop_
_entity.id
_entity.type
_entity.pdbx_description
1 polymer GERE
2 non-polymer GLYCEROL
3 non-polymer 'SULFATE ION'
4 water water
#
_entity_poly.entity_id   1
_entity_poly.type   'polypeptide(L)'
_entity_poly.pdbx_seq_one_letter_code
;MKEKEFQSKPLLTKREREVFELLVQDKTTKEIASELFISEKTVRNHISNAMQKLGVKGRSQAVVELLRMGELEL
;
_entity_poly.pdbx_strand_id   A,B,C,D,E,F
#
# COMPACT_ATOMS: atom_id res chain seq x y z
N SER A 8 -7.18 14.07 -11.73
CA SER A 8 -7.84 14.97 -10.73
C SER A 8 -8.95 14.17 -10.05
N LYS A 9 -10.12 13.99 -10.68
CA LYS A 9 -11.09 13.00 -10.18
C LYS A 9 -11.57 11.88 -11.12
N PRO A 10 -10.82 10.80 -11.19
CA PRO A 10 -11.16 9.61 -12.00
C PRO A 10 -12.34 8.80 -11.46
N LEU A 11 -13.32 8.41 -12.27
CA LEU A 11 -14.46 7.70 -11.71
C LEU A 11 -14.48 6.18 -11.82
N LEU A 12 -14.59 5.52 -10.68
CA LEU A 12 -14.66 4.06 -10.63
C LEU A 12 -16.07 3.57 -11.00
N THR A 13 -16.16 2.39 -11.61
CA THR A 13 -17.48 1.78 -11.82
C THR A 13 -17.88 1.17 -10.48
N LYS A 14 -19.15 0.79 -10.39
CA LYS A 14 -19.67 0.02 -9.26
C LYS A 14 -18.78 -1.15 -8.86
N ARG A 15 -18.44 -2.00 -9.83
CA ARG A 15 -17.68 -3.19 -9.55
C ARG A 15 -16.27 -2.87 -9.07
N GLU A 16 -15.63 -1.89 -9.71
CA GLU A 16 -14.28 -1.51 -9.32
C GLU A 16 -14.27 -1.05 -7.87
N ARG A 17 -15.26 -0.25 -7.48
CA ARG A 17 -15.34 0.26 -6.13
C ARG A 17 -15.55 -0.90 -5.14
N GLU A 18 -16.53 -1.75 -5.45
CA GLU A 18 -16.78 -2.95 -4.66
C GLU A 18 -15.50 -3.75 -4.41
N VAL A 19 -14.69 -3.97 -5.44
CA VAL A 19 -13.46 -4.73 -5.25
C VAL A 19 -12.53 -4.05 -4.24
N PHE A 20 -12.36 -2.74 -4.36
CA PHE A 20 -11.50 -2.03 -3.41
C PHE A 20 -12.09 -2.00 -2.00
N GLU A 21 -13.41 -1.83 -1.91
CA GLU A 21 -14.08 -1.88 -0.62
C GLU A 21 -13.80 -3.23 0.08
N LEU A 22 -13.75 -4.30 -0.70
CA LEU A 22 -13.50 -5.61 -0.13
C LEU A 22 -12.01 -5.76 0.17
N LEU A 23 -11.19 -5.21 -0.71
CA LEU A 23 -9.74 -5.26 -0.53
C LEU A 23 -9.31 -4.68 0.80
N VAL A 24 -9.87 -3.54 1.18
CA VAL A 24 -9.46 -2.99 2.46
C VAL A 24 -10.07 -3.65 3.70
N GLN A 25 -10.74 -4.78 3.50
CA GLN A 25 -11.30 -5.59 4.57
C GLN A 25 -10.47 -6.87 4.69
N ASP A 26 -9.28 -6.86 4.11
CA ASP A 26 -8.31 -7.94 4.26
C ASP A 26 -8.69 -9.24 3.57
N LYS A 27 -9.30 -9.10 2.40
CA LYS A 27 -9.72 -10.24 1.60
C LYS A 27 -8.70 -10.42 0.47
N THR A 28 -8.35 -11.65 0.15
CA THR A 28 -7.49 -11.89 -1.01
C THR A 28 -8.37 -11.86 -2.26
N THR A 29 -7.77 -11.94 -3.44
CA THR A 29 -8.57 -11.95 -4.67
C THR A 29 -9.46 -13.18 -4.74
N LYS A 30 -8.96 -14.28 -4.21
CA LYS A 30 -9.77 -15.49 -4.16
C LYS A 30 -11.10 -15.23 -3.44
N GLU A 31 -11.02 -14.54 -2.31
CA GLU A 31 -12.20 -14.26 -1.50
C GLU A 31 -13.12 -13.24 -2.13
N ILE A 32 -12.50 -12.24 -2.75
CA ILE A 32 -13.29 -11.25 -3.46
C ILE A 32 -14.08 -11.93 -4.57
N ALA A 33 -13.39 -12.77 -5.34
CA ALA A 33 -14.02 -13.48 -6.44
C ALA A 33 -15.23 -14.26 -5.91
N SER A 34 -15.04 -14.98 -4.82
CA SER A 34 -16.12 -15.72 -4.15
C SER A 34 -17.29 -14.84 -3.73
N GLU A 35 -17.01 -13.70 -3.10
CA GLU A 35 -18.11 -12.89 -2.60
C GLU A 35 -18.94 -12.15 -3.64
N LEU A 36 -18.26 -11.77 -4.71
CA LEU A 36 -18.92 -11.06 -5.79
C LEU A 36 -19.34 -12.01 -6.93
N PHE A 37 -19.16 -13.31 -6.74
CA PHE A 37 -19.59 -14.33 -7.71
C PHE A 37 -19.07 -14.11 -9.13
N ILE A 38 -17.77 -13.93 -9.27
CA ILE A 38 -17.07 -13.77 -10.53
C ILE A 38 -15.75 -14.53 -10.42
N SER A 39 -15.02 -14.65 -11.52
CA SER A 39 -13.69 -15.26 -11.51
C SER A 39 -12.63 -14.37 -10.85
N GLU A 40 -11.50 -14.98 -10.52
CA GLU A 40 -10.38 -14.27 -9.92
C GLU A 40 -9.79 -13.42 -11.02
N LYS A 41 -9.73 -13.96 -12.22
CA LYS A 41 -9.33 -13.16 -13.36
C LYS A 41 -10.10 -11.83 -13.47
N THR A 42 -11.42 -11.91 -13.41
CA THR A 42 -12.25 -10.71 -13.44
C THR A 42 -11.91 -9.76 -12.29
N VAL A 43 -11.63 -10.30 -11.11
CA VAL A 43 -11.26 -9.43 -10.00
C VAL A 43 -9.96 -8.71 -10.34
N ARG A 44 -8.97 -9.41 -10.87
CA ARG A 44 -7.72 -8.76 -11.24
C ARG A 44 -7.90 -7.68 -12.31
N ASN A 45 -8.84 -7.94 -13.22
CA ASN A 45 -9.15 -7.04 -14.33
C ASN A 45 -9.77 -5.75 -13.76
N HIS A 46 -10.67 -5.87 -12.79
CA HIS A 46 -11.26 -4.68 -12.21
C HIS A 46 -10.17 -3.88 -11.46
N ILE A 47 -9.27 -4.58 -10.78
CA ILE A 47 -8.18 -3.92 -10.06
C ILE A 47 -7.23 -3.16 -11.01
N SER A 48 -6.77 -3.82 -12.07
CA SER A 48 -5.93 -3.18 -13.08
C SER A 48 -6.54 -1.93 -13.71
N ASN A 49 -7.80 -2.05 -14.10
CA ASN A 49 -8.53 -0.98 -14.74
C ASN A 49 -8.72 0.18 -13.76
N ALA A 50 -9.01 -0.14 -12.51
CA ALA A 50 -9.02 0.93 -11.51
C ALA A 50 -7.62 1.59 -11.37
N MET A 51 -6.55 0.80 -11.29
CA MET A 51 -5.21 1.38 -11.14
C MET A 51 -4.91 2.29 -12.33
N GLN A 52 -5.25 1.87 -13.54
CA GLN A 52 -5.00 2.72 -14.70
C GLN A 52 -5.80 4.02 -14.61
N LYS A 53 -7.03 3.97 -14.10
CA LYS A 53 -7.83 5.20 -14.01
C LYS A 53 -7.20 6.17 -13.03
N LEU A 54 -6.55 5.58 -12.04
CA LEU A 54 -6.01 6.35 -10.94
C LEU A 54 -4.61 6.86 -11.23
N GLY A 55 -3.96 6.29 -12.23
CA GLY A 55 -2.62 6.71 -12.61
C GLY A 55 -1.58 6.15 -11.66
N VAL A 56 -1.81 4.98 -11.05
CA VAL A 56 -0.81 4.44 -10.11
C VAL A 56 -0.28 3.08 -10.53
N LYS A 57 0.74 2.62 -9.82
CA LYS A 57 1.49 1.41 -10.16
C LYS A 57 1.14 0.14 -9.37
N GLY A 58 0.60 0.25 -8.18
CA GLY A 58 0.23 -0.94 -7.41
C GLY A 58 -1.04 -0.81 -6.57
N ARG A 59 -1.45 -1.86 -5.87
CA ARG A 59 -2.73 -1.88 -5.19
C ARG A 59 -2.77 -0.88 -4.03
N SER A 60 -1.68 -0.88 -3.26
CA SER A 60 -1.59 0.02 -2.14
C SER A 60 -1.64 1.46 -2.61
N GLN A 61 -1.00 1.81 -3.73
CA GLN A 61 -1.09 3.19 -4.18
C GLN A 61 -2.56 3.53 -4.57
N ALA A 62 -3.29 2.57 -5.13
CA ALA A 62 -4.68 2.78 -5.56
C ALA A 62 -5.58 3.08 -4.36
N VAL A 63 -5.40 2.28 -3.33
CA VAL A 63 -6.06 2.46 -2.04
C VAL A 63 -5.74 3.83 -1.46
N VAL A 64 -4.47 4.22 -1.46
CA VAL A 64 -4.13 5.52 -0.91
C VAL A 64 -4.77 6.63 -1.75
N GLU A 65 -4.76 6.54 -3.08
CA GLU A 65 -5.37 7.62 -3.86
C GLU A 65 -6.89 7.68 -3.66
N LEU A 66 -7.56 6.53 -3.60
CA LEU A 66 -8.98 6.52 -3.31
C LEU A 66 -9.31 7.08 -1.92
N LEU A 67 -8.43 6.88 -0.94
CA LEU A 67 -8.67 7.43 0.40
C LEU A 67 -8.58 8.95 0.29
N ARG A 68 -7.59 9.41 -0.45
CA ARG A 68 -7.40 10.84 -0.64
C ARG A 68 -8.60 11.56 -1.24
N MET A 69 -9.15 10.98 -2.31
CA MET A 69 -10.34 11.46 -2.99
C MET A 69 -11.67 11.26 -2.27
N GLY A 70 -11.66 10.52 -1.17
CA GLY A 70 -12.92 10.29 -0.46
C GLY A 70 -13.80 9.18 -1.01
N GLU A 71 -13.23 8.28 -1.80
CA GLU A 71 -13.99 7.20 -2.44
C GLU A 71 -13.95 5.90 -1.67
N LEU A 72 -13.12 5.89 -0.62
CA LEU A 72 -13.03 4.75 0.27
C LEU A 72 -13.08 5.29 1.70
N GLU A 73 -13.59 4.46 2.60
CA GLU A 73 -13.53 4.76 4.02
C GLU A 73 -12.95 3.53 4.69
N LEU A 74 -12.21 3.81 5.75
CA LEU A 74 -11.69 2.80 6.66
C LEU A 74 -12.56 2.87 7.91
N GLU B 5 6.48 8.83 27.87
CA GLU B 5 5.93 8.77 29.26
C GLU B 5 5.33 7.38 29.45
N PHE B 6 4.02 7.21 29.52
CA PHE B 6 3.52 5.87 29.81
C PHE B 6 3.03 5.14 28.56
N GLN B 7 2.91 5.86 27.45
CA GLN B 7 2.38 5.21 26.27
C GLN B 7 3.48 4.29 25.71
N SER B 8 3.06 3.11 25.27
CA SER B 8 3.96 2.17 24.61
C SER B 8 4.55 2.75 23.34
N LYS B 9 5.70 2.21 22.96
CA LYS B 9 6.39 2.62 21.76
C LYS B 9 5.57 2.18 20.55
N PRO B 10 5.61 3.00 19.50
CA PRO B 10 4.92 2.69 18.25
C PRO B 10 5.32 1.29 17.81
N LEU B 11 4.39 0.62 17.16
CA LEU B 11 4.69 -0.68 16.60
C LEU B 11 5.81 -0.61 15.56
N LEU B 12 5.82 0.41 14.70
CA LEU B 12 6.86 0.49 13.67
C LEU B 12 8.17 1.03 14.27
N THR B 13 9.32 0.54 13.84
CA THR B 13 10.57 1.22 14.15
C THR B 13 10.63 2.50 13.34
N LYS B 14 11.60 3.35 13.61
CA LYS B 14 11.73 4.60 12.90
C LYS B 14 11.88 4.43 11.38
N ARG B 15 12.75 3.53 10.97
CA ARG B 15 13.01 3.25 9.57
C ARG B 15 11.82 2.59 8.88
N GLU B 16 11.10 1.71 9.57
CA GLU B 16 9.90 1.13 8.97
C GLU B 16 8.92 2.26 8.63
N ARG B 17 8.74 3.20 9.55
CA ARG B 17 7.82 4.32 9.29
C ARG B 17 8.32 5.18 8.13
N GLU B 18 9.60 5.51 8.06
CA GLU B 18 10.12 6.25 6.91
C GLU B 18 9.81 5.58 5.56
N VAL B 19 10.02 4.26 5.52
CA VAL B 19 9.73 3.51 4.31
C VAL B 19 8.24 3.66 4.00
N PHE B 20 7.36 3.52 4.98
CA PHE B 20 5.94 3.51 4.67
C PHE B 20 5.42 4.88 4.22
N GLU B 21 5.98 5.93 4.83
CA GLU B 21 5.66 7.30 4.46
C GLU B 21 6.13 7.55 3.02
N LEU B 22 7.21 6.93 2.55
CA LEU B 22 7.58 7.08 1.14
C LEU B 22 6.72 6.24 0.19
N LEU B 23 6.42 5.03 0.65
CA LEU B 23 5.49 4.11 0.00
C LEU B 23 4.15 4.75 -0.38
N VAL B 24 3.54 5.51 0.51
CA VAL B 24 2.27 6.19 0.26
C VAL B 24 2.39 7.45 -0.61
N GLN B 25 3.61 7.75 -1.05
CA GLN B 25 3.79 8.92 -1.93
C GLN B 25 4.10 8.35 -3.30
N ASP B 26 3.85 7.06 -3.46
CA ASP B 26 4.03 6.42 -4.75
C ASP B 26 5.43 6.07 -5.17
N LYS B 27 6.36 6.06 -4.23
CA LYS B 27 7.74 5.76 -4.59
C LYS B 27 7.91 4.26 -4.72
N THR B 28 8.72 3.83 -5.67
CA THR B 28 9.07 2.41 -5.85
C THR B 28 10.12 2.06 -4.81
N THR B 29 10.31 0.76 -4.63
CA THR B 29 11.33 0.40 -3.65
C THR B 29 12.75 0.86 -4.05
N LYS B 30 13.06 1.04 -5.33
CA LYS B 30 14.40 1.54 -5.73
C LYS B 30 14.58 3.00 -5.33
N GLU B 31 13.51 3.76 -5.50
CA GLU B 31 13.49 5.18 -5.21
C GLU B 31 13.61 5.38 -3.70
N ILE B 32 12.94 4.55 -2.92
CA ILE B 32 13.00 4.60 -1.46
C ILE B 32 14.42 4.30 -0.98
N ALA B 33 15.02 3.28 -1.60
CA ALA B 33 16.38 2.87 -1.25
C ALA B 33 17.38 4.01 -1.52
N SER B 34 17.22 4.61 -2.69
CA SER B 34 18.05 5.74 -3.11
C SER B 34 17.89 6.93 -2.14
N GLU B 35 16.63 7.24 -1.80
CA GLU B 35 16.35 8.35 -0.90
C GLU B 35 16.84 8.22 0.54
N LEU B 36 16.71 7.00 1.02
CA LEU B 36 17.12 6.65 2.38
C LEU B 36 18.57 6.15 2.46
N PHE B 37 19.29 6.04 1.34
CA PHE B 37 20.70 5.65 1.29
C PHE B 37 20.90 4.28 1.94
N ILE B 38 20.15 3.29 1.45
CA ILE B 38 20.16 1.92 1.94
C ILE B 38 19.92 1.05 0.71
N SER B 39 20.21 -0.24 0.80
CA SER B 39 19.89 -1.21 -0.24
C SER B 39 18.38 -1.45 -0.41
N GLU B 40 18.03 -1.99 -1.57
CA GLU B 40 16.65 -2.37 -1.84
C GLU B 40 16.20 -3.52 -0.94
N LYS B 41 17.13 -4.46 -0.71
CA LYS B 41 16.86 -5.60 0.16
C LYS B 41 16.47 -5.05 1.53
N THR B 42 17.18 -4.03 2.01
CA THR B 42 16.84 -3.49 3.32
C THR B 42 15.43 -2.87 3.34
N VAL B 43 15.03 -2.12 2.31
CA VAL B 43 13.68 -1.61 2.13
C VAL B 43 12.66 -2.77 2.20
N ARG B 44 12.88 -3.84 1.44
CA ARG B 44 11.96 -4.97 1.43
C ARG B 44 11.88 -5.60 2.82
N ASN B 45 13.04 -5.70 3.48
CA ASN B 45 13.14 -6.32 4.80
C ASN B 45 12.27 -5.51 5.78
N HIS B 46 12.40 -4.18 5.76
CA HIS B 46 11.55 -3.32 6.57
C HIS B 46 10.05 -3.47 6.27
N ILE B 47 9.66 -3.56 5.00
CA ILE B 47 8.26 -3.77 4.67
C ILE B 47 7.72 -5.11 5.19
N SER B 48 8.53 -6.14 4.98
CA SER B 48 8.25 -7.49 5.43
C SER B 48 8.08 -7.60 6.93
N ASN B 49 9.01 -6.99 7.68
CA ASN B 49 8.93 -7.02 9.15
C ASN B 49 7.71 -6.29 9.66
N ALA B 50 7.41 -5.14 9.06
CA ALA B 50 6.22 -4.43 9.52
C ALA B 50 4.97 -5.24 9.19
N MET B 51 4.91 -5.90 8.04
CA MET B 51 3.68 -6.64 7.79
C MET B 51 3.58 -7.89 8.68
N GLN B 52 4.69 -8.47 9.12
CA GLN B 52 4.63 -9.64 9.99
C GLN B 52 4.18 -9.17 11.38
N LYS B 53 4.60 -7.97 11.78
CA LYS B 53 4.10 -7.38 13.02
C LYS B 53 2.61 -7.10 12.99
N LEU B 54 2.06 -6.63 11.87
CA LEU B 54 0.63 -6.38 11.79
C LEU B 54 -0.19 -7.66 11.55
N GLY B 55 0.50 -8.69 11.08
CA GLY B 55 -0.11 -9.97 10.79
C GLY B 55 -0.99 -9.88 9.55
N VAL B 56 -0.52 -9.13 8.57
CA VAL B 56 -1.24 -9.02 7.31
C VAL B 56 -0.37 -9.51 6.16
N LYS B 57 -1.01 -9.97 5.09
CA LYS B 57 -0.33 -10.57 3.94
C LYS B 57 0.04 -9.58 2.84
N GLY B 58 -0.60 -8.42 2.81
CA GLY B 58 -0.31 -7.51 1.72
C GLY B 58 0.02 -6.10 2.12
N ARG B 59 0.65 -5.36 1.22
CA ARG B 59 1.02 -3.98 1.51
C ARG B 59 -0.19 -3.10 1.69
N SER B 60 -1.22 -3.27 0.85
CA SER B 60 -2.47 -2.53 0.97
C SER B 60 -3.02 -2.62 2.39
N GLN B 61 -3.11 -3.84 2.93
CA GLN B 61 -3.63 -4.04 4.27
C GLN B 61 -2.66 -3.49 5.31
N ALA B 62 -1.35 -3.47 5.05
CA ALA B 62 -0.45 -2.89 6.03
C ALA B 62 -0.72 -1.39 6.13
N VAL B 63 -0.91 -0.74 4.98
CA VAL B 63 -1.16 0.70 4.90
C VAL B 63 -2.46 1.07 5.63
N VAL B 64 -3.50 0.30 5.31
CA VAL B 64 -4.79 0.56 5.93
C VAL B 64 -4.70 0.41 7.44
N GLU B 65 -4.09 -0.68 7.94
CA GLU B 65 -4.01 -0.92 9.37
C GLU B 65 -3.14 0.13 10.07
N LEU B 66 -2.01 0.45 9.46
CA LEU B 66 -1.16 1.50 9.99
C LEU B 66 -1.92 2.81 10.08
N LEU B 67 -2.76 3.11 9.08
CA LEU B 67 -3.54 4.34 9.08
C LEU B 67 -4.56 4.26 10.21
N ARG B 68 -5.10 3.08 10.47
CA ARG B 68 -6.12 2.97 11.51
C ARG B 68 -5.49 3.16 12.87
N MET B 69 -4.27 2.66 12.99
CA MET B 69 -3.50 2.73 14.23
C MET B 69 -2.87 4.07 14.53
N GLY B 70 -2.87 5.04 13.62
CA GLY B 70 -2.20 6.32 13.82
C GLY B 70 -0.69 6.24 13.65
N GLU B 71 -0.19 5.17 13.04
CA GLU B 71 1.25 4.97 12.92
C GLU B 71 1.78 5.50 11.61
N LEU B 72 0.92 6.09 10.79
CA LEU B 72 1.27 6.54 9.46
C LEU B 72 0.23 7.60 9.13
N GLU B 73 0.64 8.64 8.41
CA GLU B 73 -0.29 9.75 8.21
C GLU B 73 -1.00 10.07 6.90
N LEU B 74 -0.31 10.13 5.78
CA LEU B 74 -0.90 10.57 4.51
C LEU B 74 -0.91 12.09 4.35
N SER C 8 -4.41 -2.13 -18.63
CA SER C 8 -5.87 -2.18 -18.94
C SER C 8 -6.07 -3.51 -19.67
N LYS C 9 -7.18 -4.19 -19.43
CA LYS C 9 -7.42 -5.48 -20.09
C LYS C 9 -8.94 -5.55 -20.25
N PRO C 10 -9.42 -6.12 -21.34
CA PRO C 10 -10.86 -6.12 -21.60
C PRO C 10 -11.52 -7.10 -20.65
N LEU C 11 -12.71 -6.77 -20.14
CA LEU C 11 -13.42 -7.69 -19.27
C LEU C 11 -13.97 -8.95 -19.94
N LEU C 12 -14.45 -8.79 -21.18
CA LEU C 12 -15.11 -9.86 -21.92
C LEU C 12 -14.18 -10.87 -22.57
N THR C 13 -14.53 -12.14 -22.56
CA THR C 13 -13.77 -13.07 -23.36
C THR C 13 -14.17 -12.90 -24.81
N LYS C 14 -13.36 -13.49 -25.70
CA LYS C 14 -13.69 -13.48 -27.12
C LYS C 14 -15.09 -13.91 -27.47
N ARG C 15 -15.56 -15.03 -26.93
CA ARG C 15 -16.91 -15.49 -27.20
C ARG C 15 -17.96 -14.56 -26.59
N GLU C 16 -17.71 -14.03 -25.39
CA GLU C 16 -18.66 -13.07 -24.80
C GLU C 16 -18.87 -11.85 -25.71
N ARG C 17 -17.77 -11.33 -26.25
CA ARG C 17 -17.83 -10.18 -27.13
C ARG C 17 -18.60 -10.54 -28.42
N GLU C 18 -18.35 -11.71 -28.97
CA GLU C 18 -19.03 -12.15 -30.19
C GLU C 18 -20.53 -12.18 -29.98
N VAL C 19 -20.92 -12.75 -28.84
CA VAL C 19 -22.33 -12.77 -28.47
C VAL C 19 -22.92 -11.37 -28.28
N PHE C 20 -22.30 -10.51 -27.47
CA PHE C 20 -22.83 -9.16 -27.27
C PHE C 20 -22.87 -8.30 -28.52
N GLU C 21 -21.99 -8.58 -29.48
CA GLU C 21 -22.03 -7.78 -30.72
C GLU C 21 -23.29 -8.13 -31.52
N LEU C 22 -23.83 -9.32 -31.24
CA LEU C 22 -25.10 -9.73 -31.84
C LEU C 22 -26.30 -9.22 -31.03
N LEU C 23 -26.18 -9.27 -29.71
CA LEU C 23 -27.20 -8.77 -28.78
C LEU C 23 -27.45 -7.30 -29.08
N VAL C 24 -26.41 -6.52 -29.30
CA VAL C 24 -26.60 -5.11 -29.64
C VAL C 24 -27.35 -4.84 -30.94
N GLN C 25 -27.47 -5.86 -31.79
CA GLN C 25 -28.21 -5.74 -33.04
C GLN C 25 -29.61 -6.25 -32.81
N ASP C 26 -30.02 -6.39 -31.56
CA ASP C 26 -31.36 -6.89 -31.26
C ASP C 26 -31.70 -8.34 -31.58
N LYS C 27 -30.71 -9.21 -31.67
CA LYS C 27 -30.95 -10.62 -31.96
C LYS C 27 -31.35 -11.37 -30.69
N THR C 28 -32.17 -12.41 -30.89
CA THR C 28 -32.61 -13.21 -29.76
C THR C 28 -31.52 -14.25 -29.48
N THR C 29 -31.64 -14.90 -28.33
CA THR C 29 -30.74 -15.99 -27.98
C THR C 29 -30.63 -17.07 -29.07
N LYS C 30 -31.80 -17.47 -29.54
CA LYS C 30 -31.94 -18.42 -30.63
C LYS C 30 -31.21 -17.93 -31.89
N GLU C 31 -31.37 -16.67 -32.25
CA GLU C 31 -30.69 -16.15 -33.44
C GLU C 31 -29.15 -16.15 -33.29
N ILE C 32 -28.63 -15.67 -32.17
CA ILE C 32 -27.21 -15.67 -31.83
C ILE C 32 -26.57 -17.07 -31.85
N ALA C 33 -27.23 -18.03 -31.19
CA ALA C 33 -26.82 -19.43 -31.25
C ALA C 33 -26.69 -19.92 -32.70
N SER C 34 -27.73 -19.71 -33.50
CA SER C 34 -27.65 -20.08 -34.91
C SER C 34 -26.46 -19.42 -35.63
N GLU C 35 -26.27 -18.11 -35.45
CA GLU C 35 -25.13 -17.42 -36.05
C GLU C 35 -23.69 -17.82 -35.59
N LEU C 36 -23.57 -18.29 -34.36
CA LEU C 36 -22.26 -18.59 -33.77
C LEU C 36 -21.94 -20.08 -33.71
N PHE C 37 -22.89 -20.92 -34.12
CA PHE C 37 -22.67 -22.37 -34.16
C PHE C 37 -22.42 -22.95 -32.78
N ILE C 38 -23.20 -22.41 -31.82
CA ILE C 38 -23.21 -22.89 -30.44
C ILE C 38 -24.64 -23.05 -29.92
N SER C 39 -24.83 -23.73 -28.80
CA SER C 39 -26.17 -23.94 -28.27
C SER C 39 -26.74 -22.70 -27.59
N GLU C 40 -28.07 -22.70 -27.50
CA GLU C 40 -28.75 -21.55 -26.89
C GLU C 40 -28.27 -21.42 -25.45
N LYS C 41 -28.16 -22.55 -24.78
CA LYS C 41 -27.70 -22.52 -23.39
C LYS C 41 -26.30 -21.91 -23.33
N THR C 42 -25.42 -22.21 -24.29
CA THR C 42 -24.06 -21.67 -24.27
C THR C 42 -24.17 -20.16 -24.45
N VAL C 43 -25.05 -19.68 -25.31
CA VAL C 43 -25.23 -18.24 -25.44
C VAL C 43 -25.67 -17.63 -24.09
N ARG C 44 -26.71 -18.15 -23.45
CA ARG C 44 -27.19 -17.63 -22.16
C ARG C 44 -26.10 -17.65 -21.08
N ASN C 45 -25.24 -18.66 -21.14
CA ASN C 45 -24.13 -18.83 -20.20
C ASN C 45 -23.18 -17.63 -20.36
N HIS C 46 -22.77 -17.32 -21.59
CA HIS C 46 -21.89 -16.20 -21.86
C HIS C 46 -22.53 -14.87 -21.46
N ILE C 47 -23.83 -14.71 -21.71
CA ILE C 47 -24.54 -13.50 -21.33
C ILE C 47 -24.57 -13.31 -19.81
N SER C 48 -24.94 -14.36 -19.07
CA SER C 48 -25.03 -14.32 -17.62
C SER C 48 -23.64 -14.04 -17.02
N ASN C 49 -22.65 -14.71 -17.59
CA ASN C 49 -21.28 -14.63 -17.08
C ASN C 49 -20.79 -13.18 -17.20
N ALA C 50 -21.11 -12.56 -18.34
CA ALA C 50 -20.67 -11.19 -18.61
C ALA C 50 -21.42 -10.20 -17.73
N MET C 51 -22.74 -10.37 -17.61
CA MET C 51 -23.49 -9.50 -16.71
C MET C 51 -22.94 -9.49 -15.28
N GLN C 52 -22.56 -10.67 -14.78
CA GLN C 52 -21.98 -10.80 -13.47
C GLN C 52 -20.64 -10.06 -13.43
N LYS C 53 -19.82 -10.13 -14.47
CA LYS C 53 -18.57 -9.34 -14.47
C LYS C 53 -18.85 -7.87 -14.20
N LEU C 54 -19.93 -7.39 -14.79
CA LEU C 54 -20.35 -6.01 -14.67
C LEU C 54 -21.17 -5.72 -13.44
N GLY C 55 -21.67 -6.72 -12.71
CA GLY C 55 -22.60 -6.40 -11.65
C GLY C 55 -23.96 -5.86 -12.05
N VAL C 56 -24.44 -6.09 -13.27
CA VAL C 56 -25.76 -5.59 -13.66
C VAL C 56 -26.81 -6.70 -13.79
N LYS C 57 -28.07 -6.33 -13.90
CA LYS C 57 -29.11 -7.35 -13.78
C LYS C 57 -29.78 -7.70 -15.11
N GLY C 58 -29.68 -6.79 -16.07
CA GLY C 58 -30.41 -6.90 -17.32
C GLY C 58 -29.49 -7.00 -18.53
N ARG C 59 -29.99 -7.65 -19.58
CA ARG C 59 -29.22 -7.78 -20.82
C ARG C 59 -28.91 -6.44 -21.52
N SER C 60 -29.97 -5.66 -21.67
CA SER C 60 -29.87 -4.36 -22.29
C SER C 60 -29.00 -3.46 -21.41
N GLN C 61 -29.10 -3.63 -20.10
CA GLN C 61 -28.30 -2.81 -19.18
C GLN C 61 -26.81 -3.16 -19.31
N ALA C 62 -26.49 -4.43 -19.53
CA ALA C 62 -25.08 -4.82 -19.79
C ALA C 62 -24.60 -4.25 -21.13
N VAL C 63 -25.44 -4.33 -22.16
CA VAL C 63 -25.10 -3.77 -23.47
C VAL C 63 -24.70 -2.30 -23.38
N VAL C 64 -25.52 -1.49 -22.72
CA VAL C 64 -25.27 -0.07 -22.53
C VAL C 64 -23.95 0.14 -21.79
N GLU C 65 -23.67 -0.65 -20.78
CA GLU C 65 -22.44 -0.46 -20.03
C GLU C 65 -21.17 -0.85 -20.80
N LEU C 66 -21.25 -1.87 -21.64
CA LEU C 66 -20.11 -2.29 -22.46
C LEU C 66 -19.86 -1.27 -23.55
N LEU C 67 -20.93 -0.65 -24.06
CA LEU C 67 -20.83 0.45 -25.03
C LEU C 67 -20.15 1.62 -24.34
N ARG C 68 -20.59 1.95 -23.13
CA ARG C 68 -19.92 3.05 -22.45
C ARG C 68 -18.42 2.77 -22.24
N MET C 69 -18.09 1.52 -21.90
CA MET C 69 -16.71 1.16 -21.57
C MET C 69 -15.85 1.01 -22.82
N GLY C 70 -16.46 0.90 -23.99
CA GLY C 70 -15.73 0.70 -25.23
C GLY C 70 -15.50 -0.76 -25.55
N GLU C 71 -16.13 -1.69 -24.84
CA GLU C 71 -15.94 -3.13 -25.08
C GLU C 71 -16.80 -3.60 -26.24
N LEU C 72 -17.69 -2.74 -26.73
CA LEU C 72 -18.57 -3.07 -27.83
C LEU C 72 -18.66 -1.81 -28.70
N GLU C 73 -18.84 -1.99 -29.99
CA GLU C 73 -19.24 -0.90 -30.87
C GLU C 73 -20.65 -1.30 -31.33
N LEU C 74 -21.47 -0.33 -31.72
CA LEU C 74 -22.84 -0.51 -32.17
C LEU C 74 -22.91 -1.38 -33.44
N LYS D 9 13.43 -11.15 7.85
CA LYS D 9 13.47 -10.76 9.30
C LYS D 9 14.73 -10.06 9.81
N PRO D 10 15.88 -10.72 9.95
CA PRO D 10 17.12 -10.05 10.34
C PRO D 10 17.56 -8.96 9.37
N LEU D 11 17.86 -7.76 9.84
CA LEU D 11 18.31 -6.69 8.95
C LEU D 11 19.80 -6.85 8.66
N LEU D 12 20.53 -7.29 9.67
CA LEU D 12 21.98 -7.41 9.50
C LEU D 12 22.44 -8.59 8.66
N THR D 13 23.55 -8.41 7.95
CA THR D 13 24.16 -9.59 7.35
C THR D 13 24.87 -10.35 8.47
N LYS D 14 25.36 -11.54 8.16
CA LYS D 14 26.18 -12.33 9.07
C LYS D 14 27.43 -11.59 9.56
N ARG D 15 28.21 -10.96 8.67
CA ARG D 15 29.38 -10.24 9.18
C ARG D 15 29.00 -9.03 10.08
N GLU D 16 28.00 -8.26 9.66
CA GLU D 16 27.49 -7.17 10.50
C GLU D 16 27.06 -7.66 11.90
N ARG D 17 26.33 -8.77 11.99
CA ARG D 17 25.98 -9.36 13.27
C ARG D 17 27.22 -9.72 14.10
N GLU D 18 28.17 -10.41 13.48
CA GLU D 18 29.44 -10.81 14.08
C GLU D 18 30.18 -9.59 14.63
N VAL D 19 30.32 -8.57 13.79
CA VAL D 19 30.97 -7.35 14.22
C VAL D 19 30.26 -6.76 15.44
N PHE D 20 28.93 -6.66 15.38
CA PHE D 20 28.25 -6.07 16.54
C PHE D 20 28.28 -6.96 17.78
N GLU D 21 28.30 -8.27 17.58
CA GLU D 21 28.38 -9.14 18.76
C GLU D 21 29.72 -8.93 19.47
N LEU D 22 30.76 -8.60 18.72
CA LEU D 22 32.06 -8.32 19.33
C LEU D 22 32.12 -6.91 19.91
N LEU D 23 31.47 -5.98 19.20
CA LEU D 23 31.44 -4.59 19.61
C LEU D 23 30.90 -4.46 21.04
N VAL D 24 29.83 -5.18 21.35
CA VAL D 24 29.25 -5.07 22.68
C VAL D 24 30.14 -5.75 23.72
N GLN D 25 31.19 -6.45 23.31
CA GLN D 25 32.12 -7.00 24.29
C GLN D 25 33.39 -6.18 24.49
N ASP D 26 33.33 -4.87 24.28
CA ASP D 26 34.48 -3.99 24.47
C ASP D 26 35.62 -4.33 23.52
N LYS D 27 35.33 -4.88 22.36
CA LYS D 27 36.44 -5.14 21.45
C LYS D 27 36.70 -3.92 20.57
N THR D 28 37.97 -3.63 20.31
CA THR D 28 38.31 -2.56 19.37
C THR D 28 38.07 -2.99 17.94
N THR D 29 37.89 -2.01 17.06
CA THR D 29 37.82 -2.29 15.65
C THR D 29 39.04 -3.07 15.15
N LYS D 30 40.22 -2.84 15.70
CA LYS D 30 41.39 -3.64 15.31
C LYS D 30 41.29 -5.09 15.82
N GLU D 31 40.87 -5.27 17.07
CA GLU D 31 40.69 -6.64 17.56
C GLU D 31 39.59 -7.35 16.75
N ILE D 32 38.57 -6.62 16.35
CA ILE D 32 37.49 -7.28 15.61
C ILE D 32 37.95 -7.80 14.25
N ALA D 33 38.66 -6.92 13.53
CA ALA D 33 39.24 -7.25 12.24
C ALA D 33 40.13 -8.45 12.41
N SER D 34 40.93 -8.42 13.48
CA SER D 34 41.88 -9.50 13.66
C SER D 34 41.16 -10.81 13.95
N GLU D 35 40.10 -10.78 14.77
CA GLU D 35 39.29 -11.96 15.00
C GLU D 35 38.56 -12.54 13.79
N LEU D 36 38.04 -11.64 12.96
CA LEU D 36 37.25 -11.99 11.78
C LEU D 36 38.06 -12.13 10.50
N PHE D 37 39.36 -11.89 10.56
CA PHE D 37 40.25 -12.05 9.40
C PHE D 37 39.86 -11.15 8.24
N ILE D 38 39.53 -9.88 8.51
CA ILE D 38 39.26 -8.96 7.43
C ILE D 38 39.92 -7.67 7.88
N SER D 39 39.93 -6.67 7.00
CA SER D 39 40.53 -5.40 7.37
C SER D 39 39.73 -4.52 8.33
N GLU D 40 40.44 -3.66 9.05
CA GLU D 40 39.83 -2.71 9.99
C GLU D 40 38.84 -1.80 9.26
N LYS D 41 39.25 -1.32 8.09
CA LYS D 41 38.38 -0.58 7.18
C LYS D 41 37.12 -1.38 6.80
N THR D 42 37.26 -2.67 6.54
CA THR D 42 36.05 -3.46 6.28
C THR D 42 35.14 -3.53 7.50
N VAL D 43 35.77 -3.53 8.67
CA VAL D 43 34.99 -3.59 9.89
C VAL D 43 34.22 -2.29 10.01
N ARG D 44 34.90 -1.19 9.78
CA ARG D 44 34.21 0.11 9.92
C ARG D 44 32.99 0.28 9.01
N ASN D 45 33.19 -0.13 7.77
CA ASN D 45 32.08 -0.06 6.84
C ASN D 45 30.88 -0.95 7.16
N HIS D 46 31.14 -2.14 7.72
CA HIS D 46 30.03 -2.98 8.15
C HIS D 46 29.22 -2.21 9.21
N ILE D 47 29.90 -1.52 10.11
CA ILE D 47 29.22 -0.78 11.16
C ILE D 47 28.38 0.38 10.57
N SER D 48 28.92 1.05 9.57
CA SER D 48 28.20 2.16 8.96
C SER D 48 27.02 1.68 8.13
N ASN D 49 27.23 0.60 7.39
CA ASN D 49 26.16 0.01 6.63
C ASN D 49 24.99 -0.37 7.54
N ALA D 50 25.34 -0.88 8.71
CA ALA D 50 24.27 -1.33 9.61
C ALA D 50 23.54 -0.14 10.22
N MET D 51 24.27 0.94 10.52
CA MET D 51 23.65 2.11 11.09
C MET D 51 22.63 2.71 10.13
N GLN D 52 23.05 2.74 8.87
CA GLN D 52 22.17 3.11 7.78
C GLN D 52 20.91 2.23 7.72
N LYS D 53 21.05 0.90 7.81
CA LYS D 53 19.90 0.01 7.85
C LYS D 53 18.93 0.40 8.94
N LEU D 54 19.47 0.84 10.08
CA LEU D 54 18.64 1.17 11.23
C LEU D 54 18.16 2.63 11.22
N GLY D 55 18.65 3.50 10.35
CA GLY D 55 18.31 4.91 10.39
C GLY D 55 18.85 5.70 11.56
N VAL D 56 19.95 5.24 12.14
CA VAL D 56 20.50 6.02 13.24
C VAL D 56 21.84 6.69 12.89
N LYS D 57 22.20 7.68 13.69
CA LYS D 57 23.39 8.47 13.40
C LYS D 57 24.59 8.05 14.23
N GLY D 58 24.46 7.22 15.25
CA GLY D 58 25.65 6.85 16.00
C GLY D 58 25.78 5.36 16.27
N ARG D 59 26.95 4.95 16.72
CA ARG D 59 27.21 3.54 17.02
C ARG D 59 26.48 3.09 18.28
N SER D 60 26.47 3.91 19.32
CA SER D 60 25.76 3.50 20.52
C SER D 60 24.27 3.38 20.21
N GLN D 61 23.75 4.26 19.37
CA GLN D 61 22.34 4.14 19.00
C GLN D 61 22.05 2.85 18.23
N ALA D 62 22.94 2.48 17.32
CA ALA D 62 22.77 1.23 16.58
C ALA D 62 22.73 0.04 17.54
N VAL D 63 23.58 0.07 18.58
CA VAL D 63 23.66 -1.01 19.53
C VAL D 63 22.34 -1.06 20.26
N VAL D 64 21.87 0.12 20.67
CA VAL D 64 20.61 0.18 21.41
C VAL D 64 19.42 -0.31 20.59
N GLU D 65 19.39 0.03 19.32
CA GLU D 65 18.28 -0.38 18.48
C GLU D 65 18.24 -1.90 18.24
N LEU D 66 19.41 -2.49 18.02
CA LEU D 66 19.52 -3.94 17.84
C LEU D 66 19.05 -4.63 19.12
N LEU D 67 19.46 -4.13 20.27
CA LEU D 67 19.03 -4.67 21.56
C LEU D 67 17.51 -4.69 21.70
N ARG D 68 16.88 -3.60 21.28
CA ARG D 68 15.43 -3.45 21.39
C ARG D 68 14.73 -4.31 20.35
N MET D 69 15.36 -4.46 19.18
CA MET D 69 14.73 -5.24 18.12
C MET D 69 14.77 -6.71 18.48
N GLY D 70 15.73 -7.05 19.34
CA GLY D 70 15.88 -8.39 19.87
C GLY D 70 16.93 -9.11 19.04
N GLU D 71 17.53 -8.38 18.12
CA GLU D 71 18.49 -8.98 17.20
C GLU D 71 19.87 -9.14 17.84
N LEU D 72 20.02 -8.68 19.07
CA LEU D 72 21.29 -8.70 19.77
C LEU D 72 20.83 -8.84 21.22
N GLU D 73 21.65 -9.51 22.02
CA GLU D 73 21.40 -9.68 23.43
C GLU D 73 22.72 -9.39 24.12
N LEU D 74 22.74 -8.53 25.14
CA LEU D 74 23.95 -8.42 25.93
C LEU D 74 24.14 -9.75 26.68
N LEU E 11 28.32 5.55 38.84
CA LEU E 11 28.23 6.55 39.95
C LEU E 11 27.15 7.58 39.65
N LEU E 12 27.26 8.08 38.41
CA LEU E 12 26.49 9.11 37.71
C LEU E 12 25.82 10.25 38.47
N THR E 13 26.13 11.49 38.12
CA THR E 13 25.42 12.63 38.70
C THR E 13 24.02 12.62 38.10
N LYS E 14 23.11 13.42 38.65
CA LYS E 14 21.77 13.60 38.12
C LYS E 14 21.69 14.02 36.65
N ARG E 15 22.48 15.00 36.21
CA ARG E 15 22.38 15.44 34.82
C ARG E 15 23.05 14.44 33.90
N GLU E 16 24.12 13.79 34.37
CA GLU E 16 24.74 12.72 33.61
C GLU E 16 23.68 11.66 33.30
N ARG E 17 22.91 11.28 34.32
CA ARG E 17 21.86 10.30 34.10
C ARG E 17 20.83 10.69 33.04
N GLU E 18 20.31 11.89 33.17
CA GLU E 18 19.35 12.42 32.21
C GLU E 18 19.98 12.47 30.82
N VAL E 19 21.29 12.72 30.74
CA VAL E 19 21.86 12.83 29.40
C VAL E 19 21.82 11.43 28.77
N PHE E 20 22.24 10.42 29.52
CA PHE E 20 22.33 9.06 29.02
C PHE E 20 20.94 8.49 28.71
N GLU E 21 19.95 8.79 29.56
CA GLU E 21 18.56 8.44 29.31
C GLU E 21 18.11 9.00 27.96
N LEU E 22 18.56 10.19 27.59
CA LEU E 22 18.20 10.76 26.30
C LEU E 22 18.97 10.15 25.13
N LEU E 23 20.21 9.75 25.42
CA LEU E 23 21.08 9.06 24.45
C LEU E 23 20.44 7.82 23.87
N VAL E 24 19.72 7.09 24.71
CA VAL E 24 19.24 5.80 24.26
C VAL E 24 17.86 5.90 23.64
N GLN E 25 17.39 7.12 23.53
CA GLN E 25 16.09 7.37 22.96
C GLN E 25 16.34 7.97 21.58
N ASP E 26 17.58 7.81 21.12
CA ASP E 26 17.98 8.17 19.77
C ASP E 26 18.03 9.68 19.55
N LYS E 27 18.63 10.42 20.48
CA LYS E 27 18.72 11.85 20.28
C LYS E 27 20.17 12.26 20.04
N THR E 28 20.37 13.34 19.29
CA THR E 28 21.73 13.85 19.17
C THR E 28 22.11 14.70 20.37
N THR E 29 23.42 14.90 20.51
CA THR E 29 23.95 15.73 21.56
C THR E 29 23.25 17.09 21.49
N LYS E 30 23.08 17.60 20.28
CA LYS E 30 22.34 18.86 20.16
C LYS E 30 20.85 18.79 20.50
N GLU E 31 20.22 17.64 20.35
CA GLU E 31 18.81 17.54 20.74
C GLU E 31 18.75 17.45 22.26
N ILE E 32 19.73 16.75 22.83
CA ILE E 32 19.84 16.60 24.26
C ILE E 32 20.10 17.94 24.92
N ALA E 33 20.96 18.73 24.30
CA ALA E 33 21.24 20.09 24.74
C ALA E 33 19.98 20.94 24.70
N SER E 34 19.19 20.69 23.65
CA SER E 34 17.95 21.42 23.50
C SER E 34 16.96 21.03 24.58
N GLU E 35 16.84 19.74 24.90
CA GLU E 35 15.85 19.34 25.90
C GLU E 35 16.21 19.64 27.35
N LEU E 36 17.50 19.66 27.66
CA LEU E 36 17.95 19.92 29.03
C LEU E 36 18.29 21.40 29.21
N PHE E 37 18.10 22.18 28.15
CA PHE E 37 18.42 23.60 28.17
C PHE E 37 19.86 23.87 28.62
N ILE E 38 20.83 23.08 28.15
CA ILE E 38 22.25 23.27 28.38
C ILE E 38 23.00 23.24 27.04
N SER E 39 24.24 23.72 26.99
CA SER E 39 24.96 23.75 25.71
C SER E 39 25.51 22.38 25.32
N GLU E 40 25.83 22.24 24.04
CA GLU E 40 26.28 20.97 23.50
C GLU E 40 27.56 20.54 24.20
N LYS E 41 28.48 21.49 24.42
CA LYS E 41 29.77 21.20 25.04
C LYS E 41 29.58 20.65 26.45
N THR E 42 28.59 21.16 27.18
CA THR E 42 28.25 20.64 28.51
C THR E 42 27.72 19.21 28.42
N VAL E 43 26.85 18.94 27.46
CA VAL E 43 26.33 17.58 27.24
C VAL E 43 27.44 16.58 26.93
N ARG E 44 28.39 16.96 26.09
CA ARG E 44 29.51 16.08 25.81
C ARG E 44 30.45 15.93 27.02
N ASN E 45 30.63 17.02 27.77
CA ASN E 45 31.42 16.93 28.99
C ASN E 45 30.76 15.94 29.98
N HIS E 46 29.44 16.02 30.15
CA HIS E 46 28.78 15.02 30.98
C HIS E 46 29.04 13.62 30.49
N ILE E 47 29.10 13.41 29.18
CA ILE E 47 29.34 12.08 28.65
C ILE E 47 30.76 11.63 28.94
N SER E 48 31.72 12.50 28.65
CA SER E 48 33.11 12.18 28.94
C SER E 48 33.37 11.93 30.41
N ASN E 49 32.79 12.74 31.30
CA ASN E 49 33.05 12.56 32.73
C ASN E 49 32.50 11.20 33.15
N ALA E 50 31.29 10.86 32.69
CA ALA E 50 30.72 9.55 32.96
C ALA E 50 31.57 8.44 32.36
N MET E 51 32.20 8.68 31.22
CA MET E 51 33.08 7.67 30.63
C MET E 51 34.31 7.40 31.49
N GLN E 52 34.87 8.46 32.05
CA GLN E 52 36.05 8.35 32.91
C GLN E 52 35.79 7.55 34.19
N LYS E 53 34.63 7.80 34.80
CA LYS E 53 34.23 7.11 36.03
C LYS E 53 33.88 5.65 35.79
N LEU E 54 33.52 5.34 34.55
CA LEU E 54 33.20 3.98 34.11
C LEU E 54 34.42 3.19 33.64
N GLY E 55 35.54 3.86 33.38
CA GLY E 55 36.73 3.15 32.95
C GLY E 55 36.67 2.68 31.52
N VAL E 56 35.94 3.41 30.67
CA VAL E 56 35.83 3.03 29.27
C VAL E 56 36.23 4.17 28.33
N LYS E 57 36.41 3.87 27.05
CA LYS E 57 36.97 4.82 26.11
C LYS E 57 36.02 5.38 25.05
N GLY E 58 34.75 5.03 25.09
CA GLY E 58 33.88 5.53 24.05
C GLY E 58 32.42 5.55 24.46
N ARG E 59 31.58 6.19 23.66
CA ARG E 59 30.21 6.41 24.07
C ARG E 59 29.39 5.14 24.17
N SER E 60 29.52 4.31 23.15
CA SER E 60 28.79 3.04 23.16
C SER E 60 29.32 2.10 24.24
N GLN E 61 30.62 2.09 24.50
CA GLN E 61 31.13 1.27 25.59
C GLN E 61 30.52 1.74 26.91
N ALA E 62 30.34 3.05 27.02
CA ALA E 62 29.74 3.66 28.20
C ALA E 62 28.28 3.23 28.31
N VAL E 63 27.52 3.40 27.25
CA VAL E 63 26.13 2.97 27.24
C VAL E 63 26.00 1.47 27.55
N VAL E 64 26.82 0.63 26.91
CA VAL E 64 26.75 -0.81 27.15
C VAL E 64 27.02 -1.16 28.61
N GLU E 65 28.13 -0.67 29.15
CA GLU E 65 28.46 -0.91 30.55
C GLU E 65 27.32 -0.51 31.48
N LEU E 66 26.73 0.66 31.24
CA LEU E 66 25.60 1.05 32.08
C LEU E 66 24.40 0.10 32.02
N LEU E 67 24.15 -0.46 30.85
CA LEU E 67 23.02 -1.37 30.71
C LEU E 67 23.34 -2.68 31.44
N ARG E 68 24.61 -3.03 31.38
CA ARG E 68 25.10 -4.24 32.02
C ARG E 68 24.98 -4.09 33.53
N MET E 69 25.19 -2.88 34.03
CA MET E 69 25.12 -2.69 35.47
C MET E 69 23.68 -2.61 35.96
N GLY E 70 22.73 -2.32 35.08
CA GLY E 70 21.36 -2.06 35.50
C GLY E 70 21.11 -0.59 35.81
N GLU E 71 22.14 0.23 35.65
CA GLU E 71 22.09 1.67 35.87
C GLU E 71 21.23 2.37 34.83
N LEU E 72 21.27 1.86 33.61
CA LEU E 72 20.51 2.41 32.48
C LEU E 72 19.41 1.46 32.03
N GLU E 73 18.32 2.03 31.52
CA GLU E 73 17.15 1.29 31.06
C GLU E 73 17.12 -0.03 31.80
N LEU E 74 16.54 -0.06 32.99
CA LEU E 74 16.34 -1.29 33.77
C LEU E 74 15.32 -0.91 34.83
N PRO F 10 -36.30 15.87 -34.00
CA PRO F 10 -35.89 14.74 -33.12
C PRO F 10 -37.07 14.12 -32.35
N LEU F 11 -36.98 12.83 -32.07
CA LEU F 11 -37.98 12.07 -31.31
C LEU F 11 -38.11 12.60 -29.88
N LEU F 12 -36.97 12.69 -29.21
CA LEU F 12 -36.88 13.14 -27.82
C LEU F 12 -36.96 14.65 -27.64
N THR F 13 -37.63 15.03 -26.55
CA THR F 13 -37.69 16.44 -26.17
C THR F 13 -36.36 16.69 -25.46
N LYS F 14 -36.07 17.97 -25.27
CA LYS F 14 -34.85 18.45 -24.64
C LYS F 14 -34.68 17.82 -23.26
N ARG F 15 -35.74 17.87 -22.45
CA ARG F 15 -35.70 17.34 -21.10
C ARG F 15 -35.53 15.83 -21.08
N GLU F 16 -36.14 15.18 -22.07
CA GLU F 16 -36.02 13.75 -22.18
C GLU F 16 -34.59 13.40 -22.62
N ARG F 17 -33.96 14.25 -23.41
CA ARG F 17 -32.60 13.91 -23.77
C ARG F 17 -31.65 13.96 -22.57
N GLU F 18 -31.88 14.92 -21.67
CA GLU F 18 -31.00 15.05 -20.51
C GLU F 18 -31.10 13.91 -19.50
N VAL F 19 -32.30 13.38 -19.26
CA VAL F 19 -32.38 12.20 -18.43
C VAL F 19 -31.65 11.02 -19.07
N PHE F 20 -31.91 10.82 -20.36
CA PHE F 20 -31.31 9.69 -21.06
C PHE F 20 -29.79 9.83 -21.11
N GLU F 21 -29.25 11.02 -21.34
CA GLU F 21 -27.83 11.19 -21.19
C GLU F 21 -27.35 10.72 -19.82
N LEU F 22 -28.07 11.01 -18.75
CA LEU F 22 -27.63 10.58 -17.42
C LEU F 22 -27.74 9.07 -17.24
N LEU F 23 -28.72 8.49 -17.91
CA LEU F 23 -28.91 7.05 -17.90
C LEU F 23 -27.80 6.28 -18.63
N VAL F 24 -27.10 6.93 -19.56
CA VAL F 24 -25.95 6.20 -20.12
C VAL F 24 -24.79 6.26 -19.11
N GLN F 25 -24.66 7.40 -18.43
CA GLN F 25 -23.68 7.62 -17.36
C GLN F 25 -23.94 6.71 -16.16
N ASP F 26 -24.62 5.59 -16.38
CA ASP F 26 -24.85 4.56 -15.36
C ASP F 26 -25.86 4.89 -14.26
N LYS F 27 -26.51 6.05 -14.34
CA LYS F 27 -27.39 6.45 -13.25
C LYS F 27 -28.87 6.08 -13.44
N VAL F 43 -36.76 11.58 -14.63
CA VAL F 43 -37.96 11.09 -13.96
C VAL F 43 -38.56 9.92 -14.69
N ARG F 44 -39.45 9.19 -14.02
CA ARG F 44 -40.09 8.03 -14.62
C ARG F 44 -41.08 8.48 -15.69
N ASN F 45 -41.64 9.66 -15.50
CA ASN F 45 -42.51 10.23 -16.52
C ASN F 45 -41.79 10.49 -17.83
N HIS F 46 -40.55 10.96 -17.73
CA HIS F 46 -39.77 11.24 -18.93
C HIS F 46 -39.39 10.00 -19.70
N ILE F 47 -38.91 9.01 -18.94
CA ILE F 47 -38.44 7.75 -19.50
C ILE F 47 -39.63 7.11 -20.21
N SER F 48 -40.77 7.08 -19.53
CA SER F 48 -42.02 6.57 -20.06
C SER F 48 -42.45 7.11 -21.42
N ASN F 49 -42.46 8.43 -21.58
CA ASN F 49 -42.94 8.97 -22.86
C ASN F 49 -41.98 8.64 -24.00
N ALA F 50 -40.72 8.41 -23.62
CA ALA F 50 -39.72 8.25 -24.64
C ALA F 50 -39.84 6.81 -25.13
N MET F 51 -39.98 5.92 -24.15
CA MET F 51 -40.16 4.51 -24.38
C MET F 51 -41.43 4.27 -25.19
N GLN F 52 -42.43 5.13 -24.98
CA GLN F 52 -43.67 4.93 -25.70
C GLN F 52 -43.52 5.40 -27.14
N LYS F 53 -42.82 6.52 -27.33
CA LYS F 53 -42.56 7.00 -28.68
C LYS F 53 -41.62 6.02 -29.36
N LEU F 54 -40.77 5.35 -28.60
CA LEU F 54 -39.84 4.37 -29.17
C LEU F 54 -40.45 2.97 -29.32
N GLY F 55 -41.57 2.77 -28.63
CA GLY F 55 -42.27 1.51 -28.68
C GLY F 55 -41.47 0.39 -28.04
N VAL F 56 -40.63 0.70 -27.06
CA VAL F 56 -39.91 -0.32 -26.32
C VAL F 56 -40.38 -0.54 -24.88
N LYS F 57 -39.95 -1.67 -24.32
CA LYS F 57 -40.39 -2.13 -23.01
C LYS F 57 -39.48 -1.74 -21.84
N GLY F 58 -38.24 -1.39 -22.14
CA GLY F 58 -37.31 -1.17 -21.04
C GLY F 58 -36.46 0.05 -21.31
N ARG F 59 -36.03 0.71 -20.25
CA ARG F 59 -35.26 1.91 -20.51
C ARG F 59 -33.87 1.68 -21.09
N SER F 60 -33.21 0.58 -20.72
CA SER F 60 -31.91 0.36 -21.34
C SER F 60 -32.08 0.08 -22.83
N GLN F 61 -33.23 -0.50 -23.20
CA GLN F 61 -33.55 -0.91 -24.56
C GLN F 61 -33.66 0.40 -25.32
N ALA F 62 -34.35 1.33 -24.67
CA ALA F 62 -34.58 2.66 -25.22
C ALA F 62 -33.24 3.33 -25.42
N VAL F 63 -32.33 3.22 -24.44
CA VAL F 63 -31.02 3.86 -24.54
C VAL F 63 -30.23 3.28 -25.72
N VAL F 64 -30.18 1.96 -25.84
CA VAL F 64 -29.47 1.43 -27.00
C VAL F 64 -30.09 1.96 -28.30
N GLU F 65 -31.41 1.90 -28.43
CA GLU F 65 -32.06 2.43 -29.63
C GLU F 65 -31.78 3.91 -29.94
N LEU F 66 -31.79 4.78 -28.93
CA LEU F 66 -31.50 6.20 -29.09
C LEU F 66 -30.04 6.42 -29.56
N LEU F 67 -29.13 5.61 -29.04
CA LEU F 67 -27.76 5.62 -29.51
C LEU F 67 -27.62 5.28 -31.00
N ARG F 68 -28.29 4.20 -31.43
CA ARG F 68 -28.27 3.86 -32.85
C ARG F 68 -28.85 4.98 -33.69
N MET F 69 -29.85 5.69 -33.17
CA MET F 69 -30.55 6.71 -33.94
C MET F 69 -29.71 7.98 -34.04
N GLY F 70 -28.64 8.05 -33.25
CA GLY F 70 -27.95 9.31 -33.09
C GLY F 70 -28.71 10.29 -32.21
N GLU F 71 -29.78 9.86 -31.55
CA GLU F 71 -30.54 10.75 -30.68
C GLU F 71 -29.81 11.12 -29.39
N LEU F 72 -28.89 10.25 -28.99
CA LEU F 72 -28.19 10.41 -27.73
C LEU F 72 -26.75 10.09 -28.08
N GLU F 73 -25.79 10.60 -27.31
CA GLU F 73 -24.41 10.21 -27.55
C GLU F 73 -23.87 9.86 -26.16
N LEU F 74 -22.74 9.15 -26.19
CA LEU F 74 -21.97 8.83 -25.00
C LEU F 74 -21.01 9.99 -24.71
#